data_8QAE
#
_entry.id   8QAE
#
_cell.length_a   126.823
_cell.length_b   42.176
_cell.length_c   71.522
_cell.angle_alpha   90.000
_cell.angle_beta   123.509
_cell.angle_gamma   90.000
#
_symmetry.space_group_name_H-M   'C 1 2 1'
#
loop_
_entity.id
_entity.type
_entity.pdbx_description
1 polymer sc-apCC-6-SLLA
2 non-polymer 2-[2-[2-[2-[2-[2-[2-[2-[2-[2-[2-[2-[2-[2-[2-[2-(2-hydroxyethyloxy)ethoxy]ethoxy]ethoxy]ethoxy]ethoxy]ethoxy]ethoxy]ethoxy]ethoxy]ethoxy]ethoxy]ethoxy]ethoxy]ethoxy]ethoxy]ethanol
3 non-polymer 'PENTAETHYLENE GLYCOL'
4 water water
#
_entity_poly.entity_id   1
_entity_poly.type   'polypeptide(L)'
_entity_poly.pdbx_seq_one_letter_code
;MGSSHHHHHHSSGLVPRGSHMMGSLEELAQSLEELAKSLKKLAWSLKKLAQGAQPLEMSLEELAQSLEELAKSLKKLAWS
LKKLAQTTETKKQGDSLEELAQSLEELAKSLKKLAWSLKKLAQQYGDKRTSLEELAQSLEELAKSLKKLAWSLKKLAQVA
PTQRHRYSLEELAQSLEELAKSLKKLAWSLKKLAQGTNSDSDLKSSLEELAQSLEELAKSLKKLAWSLKKLAQG
;
_entity_poly.pdbx_strand_id   A,C
#
loop_
_chem_comp.id
_chem_comp.type
_chem_comp.name
_chem_comp.formula
1PE non-polymer 'PENTAETHYLENE GLYCOL' 'C10 H22 O6'
P5R non-polymer 2-[2-[2-[2-[2-[2-[2-[2-[2-[2-[2-[2-[2-[2-[2-[2-(2-hydroxyethyloxy)ethoxy]ethoxy]ethoxy]ethoxy]ethoxy]ethoxy]ethoxy]ethoxy]ethoxy]ethoxy]ethoxy]ethoxy]ethoxy]ethoxy]ethoxy]ethanol 'C34 H70 O18'
#
# COMPACT_ATOMS: atom_id res chain seq x y z
N SER A 19 -25.27 13.36 -9.70
CA SER A 19 -26.32 13.55 -8.64
C SER A 19 -26.10 12.53 -7.53
N HIS A 20 -26.89 11.45 -7.56
CA HIS A 20 -26.67 10.38 -6.61
C HIS A 20 -25.39 9.60 -6.91
N MET A 21 -24.93 9.60 -8.16
CA MET A 21 -23.70 8.90 -8.49
C MET A 21 -22.48 9.62 -7.91
N MET A 22 -22.43 10.95 -8.09
CA MET A 22 -21.33 11.71 -7.52
C MET A 22 -21.28 11.54 -6.00
N GLY A 23 -22.44 11.56 -5.35
CA GLY A 23 -22.47 11.40 -3.90
C GLY A 23 -22.02 10.02 -3.45
N SER A 24 -22.38 8.99 -4.21
CA SER A 24 -21.97 7.63 -3.85
C SER A 24 -20.47 7.44 -4.06
N LEU A 25 -19.92 8.03 -5.12
CA LEU A 25 -18.49 7.90 -5.35
C LEU A 25 -17.69 8.63 -4.28
N GLU A 26 -18.19 9.78 -3.82
CA GLU A 26 -17.45 10.53 -2.81
C GLU A 26 -17.56 9.89 -1.43
N GLU A 27 -18.72 9.31 -1.11
CA GLU A 27 -18.85 8.54 0.13
C GLU A 27 -17.87 7.38 0.14
N LEU A 28 -17.70 6.71 -1.01
CA LEU A 28 -16.77 5.60 -1.08
C LEU A 28 -15.32 6.06 -0.91
N ALA A 29 -14.95 7.16 -1.56
CA ALA A 29 -13.60 7.69 -1.38
C ALA A 29 -13.34 8.03 0.09
N GLN A 30 -14.33 8.61 0.76
CA GLN A 30 -14.19 8.93 2.17
C GLN A 30 -13.98 7.67 3.00
N SER A 31 -14.71 6.60 2.69
CA SER A 31 -14.54 5.35 3.44
CA SER A 31 -14.54 5.36 3.45
C SER A 31 -13.18 4.73 3.18
N LEU A 32 -12.63 4.92 1.97
CA LEU A 32 -11.30 4.40 1.69
C LEU A 32 -10.24 5.17 2.48
N GLU A 33 -10.40 6.48 2.64
CA GLU A 33 -9.44 7.26 3.39
C GLU A 33 -9.48 6.92 4.89
N GLU A 34 -10.67 6.61 5.41
CA GLU A 34 -10.79 6.22 6.80
C GLU A 34 -10.18 4.84 7.04
N LEU A 35 -10.34 3.93 6.07
CA LEU A 35 -9.68 2.63 6.13
C LEU A 35 -8.17 2.79 6.16
N ALA A 36 -7.63 3.67 5.32
CA ALA A 36 -6.19 3.91 5.31
C ALA A 36 -5.70 4.35 6.68
N LYS A 37 -6.47 5.21 7.35
CA LYS A 37 -6.05 5.67 8.68
C LYS A 37 -6.05 4.53 9.69
N SER A 38 -7.05 3.65 9.62
CA SER A 38 -7.08 2.51 10.52
C SER A 38 -5.91 1.57 10.28
N LEU A 39 -5.50 1.42 9.02
CA LEU A 39 -4.35 0.56 8.71
C LEU A 39 -3.07 1.16 9.28
N LYS A 40 -2.94 2.48 9.25
CA LYS A 40 -1.76 3.13 9.81
C LYS A 40 -1.71 2.96 11.32
N LYS A 41 -2.87 2.99 11.99
CA LYS A 41 -2.89 2.74 13.43
C LYS A 41 -2.45 1.31 13.74
N LEU A 42 -2.94 0.33 12.97
CA LEU A 42 -2.52 -1.05 13.16
C LEU A 42 -1.03 -1.22 12.94
N ALA A 43 -0.49 -0.56 11.91
CA ALA A 43 0.95 -0.60 11.67
C ALA A 43 1.72 -0.14 12.91
N TRP A 44 1.26 0.92 13.57
CA TRP A 44 1.96 1.40 14.75
C TRP A 44 1.89 0.38 15.89
N SER A 45 0.72 -0.24 16.07
CA SER A 45 0.57 -1.26 17.10
C SER A 45 1.57 -2.38 16.88
N LEU A 46 1.75 -2.78 15.62
CA LEU A 46 2.62 -3.89 15.29
C LEU A 46 4.08 -3.50 15.51
N LYS A 47 4.45 -2.26 15.17
CA LYS A 47 5.80 -1.77 15.45
C LYS A 47 6.09 -1.78 16.94
N LYS A 48 5.15 -1.30 17.75
CA LYS A 48 5.35 -1.33 19.19
C LYS A 48 5.45 -2.76 19.71
N LEU A 49 4.67 -3.68 19.11
CA LEU A 49 4.81 -5.08 19.43
C LEU A 49 6.20 -5.60 19.12
N ALA A 50 6.87 -5.00 18.12
CA ALA A 50 8.18 -5.43 17.68
C ALA A 50 9.32 -4.85 18.51
N GLN A 51 9.02 -4.26 19.66
CA GLN A 51 10.03 -3.60 20.48
C GLN A 51 10.81 -4.55 21.38
N GLY A 52 10.59 -5.85 21.28
CA GLY A 52 11.41 -6.83 21.96
C GLY A 52 10.75 -7.63 23.07
N ALA A 53 9.47 -7.39 23.34
CA ALA A 53 8.75 -8.14 24.37
C ALA A 53 8.17 -9.44 23.85
N GLN A 54 8.30 -9.73 22.55
CA GLN A 54 7.88 -11.00 21.98
C GLN A 54 8.77 -11.31 20.79
N PRO A 55 8.91 -12.58 20.42
CA PRO A 55 9.75 -12.92 19.27
C PRO A 55 9.14 -12.47 17.95
N LEU A 56 9.93 -12.65 16.90
CA LEU A 56 9.54 -12.33 15.52
C LEU A 56 9.48 -10.81 15.31
N GLU A 57 10.51 -10.11 15.79
CA GLU A 57 10.56 -8.66 15.65
C GLU A 57 10.60 -8.26 14.17
N MET A 58 11.44 -8.92 13.39
CA MET A 58 11.62 -8.51 11.99
C MET A 58 10.34 -8.74 11.18
N SER A 59 9.69 -9.88 11.36
CA SER A 59 8.46 -10.15 10.62
C SER A 59 7.36 -9.16 10.98
N LEU A 60 7.28 -8.77 12.26
CA LEU A 60 6.29 -7.77 12.65
C LEU A 60 6.57 -6.44 11.96
N GLU A 61 7.83 -6.00 11.98
CA GLU A 61 8.20 -4.74 11.34
C GLU A 61 7.89 -4.78 9.84
N GLU A 62 8.19 -5.90 9.18
CA GLU A 62 7.90 -6.02 7.76
C GLU A 62 6.41 -5.94 7.47
N LEU A 63 5.60 -6.61 8.30
CA LEU A 63 4.16 -6.53 8.13
C LEU A 63 3.67 -5.11 8.35
N ALA A 64 4.26 -4.39 9.30
CA ALA A 64 3.89 -3.00 9.53
C ALA A 64 4.17 -2.14 8.30
N GLN A 65 5.33 -2.32 7.67
CA GLN A 65 5.65 -1.53 6.48
C GLN A 65 4.68 -1.84 5.34
N SER A 66 4.28 -3.10 5.18
CA SER A 66 3.35 -3.45 4.11
C SER A 66 2.00 -2.75 4.30
N LEU A 67 1.57 -2.63 5.56
CA LEU A 67 0.31 -1.94 5.84
C LEU A 67 0.38 -0.46 5.50
N GLU A 68 1.52 0.19 5.78
CA GLU A 68 1.65 1.59 5.41
C GLU A 68 1.64 1.78 3.90
N GLU A 69 2.21 0.82 3.16
CA GLU A 69 2.18 0.88 1.71
C GLU A 69 0.77 0.65 1.18
N LEU A 70 0.03 -0.29 1.79
CA LEU A 70 -1.37 -0.47 1.42
C LEU A 70 -2.16 0.80 1.66
N ALA A 71 -1.90 1.50 2.78
CA ALA A 71 -2.63 2.72 3.08
C ALA A 71 -2.36 3.79 2.04
N LYS A 72 -1.13 3.87 1.53
CA LYS A 72 -0.83 4.85 0.50
C LYS A 72 -1.57 4.55 -0.80
N SER A 73 -1.69 3.26 -1.15
CA SER A 73 -2.41 2.90 -2.37
CA SER A 73 -2.41 2.91 -2.38
C SER A 73 -3.90 3.20 -2.26
N LEU A 74 -4.47 3.03 -1.05
CA LEU A 74 -5.89 3.34 -0.87
C LEU A 74 -6.16 4.83 -1.02
N LYS A 75 -5.25 5.68 -0.55
CA LYS A 75 -5.46 7.12 -0.71
C LYS A 75 -5.30 7.55 -2.16
N LYS A 76 -4.44 6.87 -2.91
CA LYS A 76 -4.36 7.15 -4.35
C LYS A 76 -5.64 6.74 -5.06
N LEU A 77 -6.22 5.60 -4.66
CA LEU A 77 -7.48 5.16 -5.24
C LEU A 77 -8.61 6.12 -4.89
N ALA A 78 -8.62 6.64 -3.66
CA ALA A 78 -9.65 7.60 -3.28
C ALA A 78 -9.61 8.84 -4.16
N TRP A 79 -8.41 9.35 -4.46
CA TRP A 79 -8.31 10.52 -5.34
C TRP A 79 -8.80 10.20 -6.74
N SER A 80 -8.47 9.00 -7.24
CA SER A 80 -8.99 8.61 -8.56
C SER A 80 -10.51 8.62 -8.57
N LEU A 81 -11.14 8.16 -7.50
CA LEU A 81 -12.60 8.17 -7.42
C LEU A 81 -13.14 9.59 -7.40
N LYS A 82 -12.45 10.50 -6.69
CA LYS A 82 -12.91 11.88 -6.60
C LYS A 82 -12.85 12.57 -7.96
N LYS A 83 -11.80 12.29 -8.74
CA LYS A 83 -11.74 12.82 -10.10
C LYS A 83 -12.86 12.24 -10.96
N LEU A 84 -13.13 10.94 -10.85
CA LEU A 84 -14.24 10.35 -11.58
C LEU A 84 -15.56 11.03 -11.21
N ALA A 85 -15.77 11.30 -9.91
CA ALA A 85 -17.03 11.89 -9.48
C ALA A 85 -17.23 13.27 -10.09
N GLN A 86 -16.15 14.04 -10.24
CA GLN A 86 -16.24 15.41 -10.73
C GLN A 86 -16.24 15.51 -12.24
N THR A 87 -16.03 14.41 -12.96
CA THR A 87 -16.00 14.45 -14.42
C THR A 87 -15.45 13.16 -15.00
N LYS A 91 -17.02 14.12 -21.44
CA LYS A 91 -16.36 13.28 -22.44
C LYS A 91 -15.12 12.61 -21.85
N LYS A 92 -14.59 13.19 -20.78
CA LYS A 92 -13.40 12.66 -20.11
C LYS A 92 -13.72 11.48 -19.20
N GLN A 93 -14.96 11.00 -19.19
CA GLN A 93 -15.32 9.89 -18.31
C GLN A 93 -14.47 8.66 -18.60
N GLY A 94 -14.21 8.37 -19.87
CA GLY A 94 -13.43 7.20 -20.22
C GLY A 94 -12.04 7.23 -19.60
N ASP A 95 -11.32 8.34 -19.79
CA ASP A 95 -9.99 8.45 -19.22
C ASP A 95 -10.01 8.24 -17.72
N SER A 96 -11.00 8.81 -17.02
CA SER A 96 -11.04 8.70 -15.57
C SER A 96 -11.28 7.26 -15.13
N LEU A 97 -12.07 6.49 -15.89
CA LEU A 97 -12.28 5.09 -15.56
C LEU A 97 -10.99 4.29 -15.71
N GLU A 98 -10.22 4.56 -16.76
CA GLU A 98 -8.96 3.86 -16.95
C GLU A 98 -7.97 4.17 -15.83
N GLU A 99 -7.92 5.43 -15.41
CA GLU A 99 -7.08 5.79 -14.28
C GLU A 99 -7.52 5.07 -13.02
N LEU A 100 -8.83 4.93 -12.83
CA LEU A 100 -9.34 4.19 -11.68
C LEU A 100 -8.94 2.72 -11.76
N ALA A 101 -9.04 2.11 -12.94
CA ALA A 101 -8.68 0.71 -13.09
C ALA A 101 -7.21 0.48 -12.80
N GLN A 102 -6.35 1.42 -13.21
CA GLN A 102 -4.93 1.32 -12.88
C GLN A 102 -4.71 1.35 -11.37
N SER A 103 -5.42 2.24 -10.66
CA SER A 103 -5.26 2.33 -9.22
C SER A 103 -5.71 1.04 -8.53
N LEU A 104 -6.74 0.40 -9.07
CA LEU A 104 -7.19 -0.88 -8.55
C LEU A 104 -6.13 -1.96 -8.74
N GLU A 105 -5.50 -2.00 -9.92
CA GLU A 105 -4.46 -2.99 -10.16
C GLU A 105 -3.27 -2.77 -9.24
N GLU A 106 -2.93 -1.50 -8.96
CA GLU A 106 -1.87 -1.20 -8.02
C GLU A 106 -2.24 -1.64 -6.61
N LEU A 107 -3.49 -1.40 -6.21
CA LEU A 107 -3.96 -1.87 -4.90
C LEU A 107 -3.90 -3.38 -4.81
N ALA A 108 -4.22 -4.08 -5.89
CA ALA A 108 -4.16 -5.54 -5.89
C ALA A 108 -2.74 -6.03 -5.65
N LYS A 109 -1.75 -5.37 -6.27
CA LYS A 109 -0.36 -5.75 -6.04
C LYS A 109 0.03 -5.53 -4.59
N SER A 110 -0.38 -4.41 -4.00
CA SER A 110 -0.05 -4.14 -2.61
CA SER A 110 -0.05 -4.14 -2.61
C SER A 110 -0.72 -5.15 -1.68
N LEU A 111 -1.91 -5.64 -2.04
CA LEU A 111 -2.57 -6.64 -1.21
C LEU A 111 -1.83 -7.97 -1.26
N LYS A 112 -1.30 -8.34 -2.43
CA LYS A 112 -0.54 -9.58 -2.55
C LYS A 112 0.77 -9.50 -1.77
N LYS A 113 1.41 -8.33 -1.76
CA LYS A 113 2.62 -8.18 -0.95
C LYS A 113 2.28 -8.28 0.54
N LEU A 114 1.15 -7.67 0.95
CA LEU A 114 0.72 -7.79 2.34
C LEU A 114 0.48 -9.23 2.72
N ALA A 115 -0.22 -9.99 1.86
CA ALA A 115 -0.47 -11.40 2.14
C ALA A 115 0.83 -12.17 2.29
N TRP A 116 1.84 -11.85 1.46
CA TRP A 116 3.13 -12.51 1.52
C TRP A 116 3.80 -12.27 2.87
N SER A 117 3.82 -11.02 3.34
CA SER A 117 4.40 -10.74 4.65
C SER A 117 3.61 -11.38 5.78
N LEU A 118 2.28 -11.46 5.64
CA LEU A 118 1.48 -12.06 6.70
C LEU A 118 1.75 -13.56 6.82
N LYS A 119 1.94 -14.24 5.70
CA LYS A 119 2.28 -15.66 5.75
C LYS A 119 3.60 -15.87 6.47
N LYS A 120 4.59 -15.01 6.22
CA LYS A 120 5.88 -15.14 6.86
C LYS A 120 5.77 -14.97 8.36
N LEU A 121 4.96 -14.01 8.81
CA LEU A 121 4.76 -13.84 10.25
C LEU A 121 4.09 -15.07 10.85
N ALA A 122 3.07 -15.60 10.19
CA ALA A 122 2.31 -16.72 10.75
C ALA A 122 3.18 -17.95 10.97
N GLN A 123 4.26 -18.09 10.20
CA GLN A 123 5.16 -19.21 10.39
C GLN A 123 5.76 -19.24 11.79
N GLN A 124 5.70 -18.13 12.52
CA GLN A 124 6.22 -18.07 13.88
C GLN A 124 5.25 -18.39 14.98
N TYR A 125 3.96 -18.49 14.70
CA TYR A 125 2.96 -18.69 15.72
C TYR A 125 2.58 -20.15 15.86
N GLY A 126 1.86 -20.45 16.93
CA GLY A 126 1.40 -21.81 17.19
C GLY A 126 -0.06 -21.98 16.83
N ASP A 127 -0.92 -21.99 17.85
CA ASP A 127 -2.35 -22.15 17.60
C ASP A 127 -2.88 -21.06 16.69
N LYS A 128 -2.27 -19.88 16.72
CA LYS A 128 -2.74 -18.74 15.93
C LYS A 128 -2.33 -18.83 14.47
N ARG A 129 -1.45 -19.75 14.10
CA ARG A 129 -0.91 -19.77 12.74
C ARG A 129 -2.01 -19.99 11.71
N THR A 130 -3.00 -20.83 12.02
CA THR A 130 -4.02 -21.14 11.03
C THR A 130 -4.87 -19.92 10.69
N SER A 131 -5.33 -19.20 11.72
CA SER A 131 -6.17 -18.03 11.46
C SER A 131 -5.41 -16.93 10.74
N LEU A 132 -4.10 -16.81 10.99
CA LEU A 132 -3.32 -15.82 10.25
C LEU A 132 -3.09 -16.25 8.80
N GLU A 133 -2.94 -17.56 8.56
CA GLU A 133 -2.75 -18.03 7.19
C GLU A 133 -4.04 -17.93 6.38
N GLU A 134 -5.19 -18.20 7.02
CA GLU A 134 -6.46 -18.03 6.33
C GLU A 134 -6.70 -16.56 5.99
N LEU A 135 -6.31 -15.66 6.90
CA LEU A 135 -6.42 -14.24 6.63
C LEU A 135 -5.62 -13.83 5.40
N ALA A 136 -4.40 -14.36 5.26
CA ALA A 136 -3.58 -14.05 4.09
C ALA A 136 -4.21 -14.59 2.82
N GLN A 137 -4.77 -15.80 2.88
CA GLN A 137 -5.44 -16.35 1.71
C GLN A 137 -6.61 -15.48 1.29
N SER A 138 -7.34 -14.93 2.27
CA SER A 138 -8.48 -14.08 1.95
CA SER A 138 -8.48 -14.07 1.95
C SER A 138 -8.03 -12.81 1.24
N LEU A 139 -6.86 -12.27 1.62
CA LEU A 139 -6.34 -11.08 0.95
C LEU A 139 -5.92 -11.41 -0.47
N GLU A 140 -5.40 -12.61 -0.71
CA GLU A 140 -5.04 -13.01 -2.07
C GLU A 140 -6.27 -13.11 -2.95
N GLU A 141 -7.37 -13.66 -2.41
CA GLU A 141 -8.60 -13.74 -3.18
C GLU A 141 -9.19 -12.35 -3.44
N LEU A 142 -9.08 -11.46 -2.46
CA LEU A 142 -9.52 -10.08 -2.66
C LEU A 142 -8.75 -9.42 -3.79
N ALA A 143 -7.43 -9.61 -3.83
CA ALA A 143 -6.63 -9.04 -4.91
C ALA A 143 -7.09 -9.54 -6.26
N LYS A 144 -7.38 -10.84 -6.37
CA LYS A 144 -7.85 -11.38 -7.64
C LYS A 144 -9.17 -10.76 -8.05
N SER A 145 -10.08 -10.55 -7.09
CA SER A 145 -11.37 -9.94 -7.42
CA SER A 145 -11.37 -9.95 -7.42
C SER A 145 -11.21 -8.49 -7.86
N LEU A 146 -10.22 -7.79 -7.31
CA LEU A 146 -10.00 -6.40 -7.72
C LEU A 146 -9.41 -6.33 -9.11
N LYS A 147 -8.58 -7.30 -9.49
CA LYS A 147 -8.04 -7.31 -10.85
C LYS A 147 -9.15 -7.57 -11.87
N LYS A 148 -10.10 -8.43 -11.52
CA LYS A 148 -11.24 -8.67 -12.41
C LYS A 148 -12.12 -7.43 -12.52
N LEU A 149 -12.32 -6.72 -11.42
CA LEU A 149 -13.07 -5.47 -11.46
C LEU A 149 -12.37 -4.44 -12.34
N ALA A 150 -11.05 -4.33 -12.24
CA ALA A 150 -10.31 -3.39 -13.08
C ALA A 150 -10.50 -3.72 -14.55
N TRP A 151 -10.44 -5.01 -14.89
CA TRP A 151 -10.66 -5.44 -16.26
C TRP A 151 -12.04 -5.04 -16.75
N SER A 152 -13.07 -5.24 -15.92
CA SER A 152 -14.43 -4.86 -16.30
CA SER A 152 -14.42 -4.86 -16.31
C SER A 152 -14.54 -3.35 -16.48
N LEU A 153 -13.82 -2.59 -15.66
CA LEU A 153 -13.91 -1.13 -15.78
C LEU A 153 -13.21 -0.65 -17.05
N LYS A 154 -12.10 -1.28 -17.44
CA LYS A 154 -11.45 -0.90 -18.68
C LYS A 154 -12.34 -1.20 -19.88
N LYS A 155 -13.12 -2.30 -19.81
CA LYS A 155 -14.08 -2.58 -20.87
C LYS A 155 -15.12 -1.48 -20.97
N LEU A 156 -15.73 -1.12 -19.84
CA LEU A 156 -16.77 -0.09 -19.81
C LEU A 156 -16.25 1.23 -20.32
N ALA A 157 -14.98 1.54 -20.04
CA ALA A 157 -14.42 2.83 -20.42
C ALA A 157 -14.37 3.03 -21.92
N GLN A 158 -14.39 1.96 -22.71
CA GLN A 158 -14.35 2.06 -24.15
C GLN A 158 -15.75 2.14 -24.77
N VAL A 159 -16.80 2.15 -23.96
CA VAL A 159 -18.17 2.30 -24.42
C VAL A 159 -18.67 3.68 -24.00
N ALA A 160 -19.23 4.41 -24.95
CA ALA A 160 -19.74 5.74 -24.64
C ALA A 160 -20.81 5.64 -23.55
N PRO A 161 -20.85 6.57 -22.60
CA PRO A 161 -21.72 6.38 -21.43
C PRO A 161 -23.20 6.21 -21.78
N THR A 162 -23.66 6.79 -22.87
CA THR A 162 -25.06 6.64 -23.27
C THR A 162 -25.32 5.38 -24.09
N GLN A 163 -24.27 4.67 -24.50
CA GLN A 163 -24.42 3.43 -25.27
C GLN A 163 -24.18 2.19 -24.42
N ARG A 164 -24.02 2.34 -23.11
CA ARG A 164 -23.71 1.20 -22.24
C ARG A 164 -24.97 0.39 -21.96
N HIS A 165 -24.86 -0.92 -22.08
CA HIS A 165 -26.01 -1.78 -21.85
C HIS A 165 -26.35 -1.80 -20.36
N ARG A 166 -27.65 -1.83 -20.06
CA ARG A 166 -28.06 -1.85 -18.65
C ARG A 166 -27.49 -3.07 -17.93
N TYR A 167 -27.34 -4.19 -18.64
CA TYR A 167 -26.78 -5.38 -18.02
C TYR A 167 -25.29 -5.20 -17.68
N SER A 168 -24.57 -4.37 -18.44
CA SER A 168 -23.19 -4.07 -18.09
CA SER A 168 -23.18 -4.08 -18.09
C SER A 168 -23.11 -3.34 -16.77
N LEU A 169 -24.05 -2.42 -16.53
CA LEU A 169 -24.07 -1.71 -15.25
C LEU A 169 -24.54 -2.62 -14.13
N GLU A 170 -25.52 -3.49 -14.40
CA GLU A 170 -26.00 -4.38 -13.36
C GLU A 170 -24.96 -5.43 -12.96
N GLU A 171 -24.14 -5.89 -13.90
CA GLU A 171 -23.07 -6.82 -13.55
C GLU A 171 -22.03 -6.14 -12.67
N LEU A 172 -21.70 -4.89 -12.96
CA LEU A 172 -20.78 -4.14 -12.12
C LEU A 172 -21.34 -3.98 -10.71
N ALA A 173 -22.63 -3.65 -10.60
CA ALA A 173 -23.24 -3.52 -9.28
C ALA A 173 -23.18 -4.84 -8.51
N GLN A 174 -23.46 -5.96 -9.19
CA GLN A 174 -23.35 -7.27 -8.55
C GLN A 174 -21.94 -7.52 -8.05
N SER A 175 -20.93 -7.17 -8.86
N SER A 175 -20.93 -7.19 -8.86
CA SER A 175 -19.54 -7.38 -8.45
CA SER A 175 -19.55 -7.39 -8.44
C SER A 175 -19.19 -6.56 -7.22
C SER A 175 -19.21 -6.58 -7.19
N LEU A 176 -19.75 -5.35 -7.11
CA LEU A 176 -19.50 -4.53 -5.92
C LEU A 176 -20.19 -5.11 -4.70
N GLU A 177 -21.39 -5.68 -4.89
CA GLU A 177 -22.10 -6.30 -3.77
C GLU A 177 -21.38 -7.54 -3.28
N GLU A 178 -20.75 -8.31 -4.19
CA GLU A 178 -19.97 -9.46 -3.76
C GLU A 178 -18.70 -9.03 -3.04
N LEU A 179 -18.08 -7.94 -3.51
CA LEU A 179 -16.90 -7.40 -2.84
C LEU A 179 -17.24 -6.96 -1.41
N ALA A 180 -18.40 -6.32 -1.24
CA ALA A 180 -18.84 -5.93 0.09
C ALA A 180 -18.99 -7.13 1.02
N LYS A 181 -19.59 -8.21 0.52
CA LYS A 181 -19.73 -9.43 1.32
C LYS A 181 -18.36 -9.97 1.72
N SER A 182 -17.39 -9.93 0.81
CA SER A 182 -16.06 -10.44 1.12
CA SER A 182 -16.07 -10.45 1.14
C SER A 182 -15.37 -9.58 2.18
N LEU A 183 -15.59 -8.27 2.14
CA LEU A 183 -14.99 -7.40 3.16
C LEU A 183 -15.65 -7.59 4.51
N LYS A 184 -16.96 -7.87 4.55
CA LYS A 184 -17.63 -8.13 5.82
C LYS A 184 -17.11 -9.42 6.44
N LYS A 185 -16.84 -10.44 5.61
CA LYS A 185 -16.23 -11.67 6.11
C LYS A 185 -14.83 -11.39 6.65
N LEU A 186 -14.05 -10.59 5.93
CA LEU A 186 -12.72 -10.22 6.41
C LEU A 186 -12.83 -9.49 7.75
N ALA A 187 -13.80 -8.59 7.87
CA ALA A 187 -13.99 -7.88 9.13
C ALA A 187 -14.34 -8.85 10.25
N TRP A 188 -15.18 -9.85 9.97
CA TRP A 188 -15.55 -10.81 11.00
C TRP A 188 -14.34 -11.62 11.45
N SER A 189 -13.46 -11.97 10.52
CA SER A 189 -12.25 -12.70 10.89
CA SER A 189 -12.26 -12.71 10.89
C SER A 189 -11.30 -11.85 11.71
N LEU A 190 -11.23 -10.55 11.43
CA LEU A 190 -10.37 -9.68 12.22
C LEU A 190 -10.93 -9.46 13.62
N LYS A 191 -12.25 -9.42 13.75
CA LYS A 191 -12.86 -9.32 15.08
C LYS A 191 -12.55 -10.55 15.91
N LYS A 192 -12.70 -11.74 15.32
CA LYS A 192 -12.38 -12.96 16.05
C LYS A 192 -10.91 -12.98 16.45
N LEU A 193 -10.02 -12.48 15.57
CA LEU A 193 -8.61 -12.40 15.93
C LEU A 193 -8.42 -11.47 17.13
N ALA A 194 -9.16 -10.35 17.15
CA ALA A 194 -9.03 -9.40 18.24
C ALA A 194 -9.46 -10.01 19.57
N GLN A 195 -10.54 -10.81 19.55
CA GLN A 195 -11.00 -11.44 20.79
C GLN A 195 -9.91 -12.35 21.38
N GLY A 196 -9.13 -13.00 20.52
CA GLY A 196 -8.05 -13.85 20.96
C GLY A 196 -6.76 -13.14 21.30
N THR A 197 -6.75 -11.81 21.27
CA THR A 197 -5.55 -11.03 21.49
C THR A 197 -5.62 -10.31 22.84
N ASN A 198 -4.44 -10.05 23.41
CA ASN A 198 -4.34 -9.32 24.67
C ASN A 198 -2.89 -9.30 25.15
CA ASP A 200 -0.70 -6.92 22.78
C ASP A 200 -0.74 -5.40 22.69
N SER A 201 -0.75 -4.75 23.83
CA SER A 201 -0.85 -3.28 23.90
C SER A 201 -2.20 -2.91 23.26
N ASP A 202 -2.25 -1.88 22.41
CA ASP A 202 -3.50 -1.49 21.78
C ASP A 202 -3.83 -2.29 20.54
N LEU A 203 -3.16 -3.43 20.32
CA LEU A 203 -3.43 -4.23 19.14
C LEU A 203 -4.90 -4.60 19.05
N LYS A 204 -5.52 -5.00 20.16
CA LYS A 204 -6.92 -5.40 20.12
C LYS A 204 -7.80 -4.24 19.64
N SER A 205 -7.54 -3.03 20.14
CA SER A 205 -8.35 -1.88 19.72
C SER A 205 -8.10 -1.52 18.26
N SER A 206 -6.85 -1.67 17.79
CA SER A 206 -6.54 -1.36 16.40
C SER A 206 -7.22 -2.36 15.46
N LEU A 207 -7.30 -3.63 15.86
CA LEU A 207 -7.96 -4.61 15.00
C LEU A 207 -9.46 -4.37 14.96
N GLU A 208 -10.08 -4.04 16.10
CA GLU A 208 -11.52 -3.79 16.10
C GLU A 208 -11.86 -2.56 15.29
N GLU A 209 -11.04 -1.51 15.38
CA GLU A 209 -11.29 -0.31 14.59
C GLU A 209 -11.13 -0.60 13.10
N LEU A 210 -10.11 -1.39 12.73
CA LEU A 210 -9.95 -1.76 11.33
C LEU A 210 -11.17 -2.52 10.83
N ALA A 211 -11.69 -3.46 11.63
CA ALA A 211 -12.87 -4.21 11.24
C ALA A 211 -14.05 -3.27 10.99
N GLN A 212 -14.23 -2.26 11.85
CA GLN A 212 -15.34 -1.33 11.67
C GLN A 212 -15.17 -0.50 10.41
N SER A 213 -13.92 -0.15 10.06
CA SER A 213 -13.69 0.60 8.84
C SER A 213 -13.97 -0.24 7.60
N LEU A 214 -13.70 -1.54 7.65
CA LEU A 214 -14.05 -2.41 6.53
C LEU A 214 -15.56 -2.56 6.39
N GLU A 215 -16.27 -2.58 7.51
CA GLU A 215 -17.73 -2.69 7.47
C GLU A 215 -18.35 -1.43 6.89
N GLU A 216 -17.81 -0.26 7.25
CA GLU A 216 -18.26 0.99 6.66
C GLU A 216 -17.96 1.03 5.16
N LEU A 217 -16.78 0.56 4.76
CA LEU A 217 -16.46 0.47 3.35
C LEU A 217 -17.44 -0.42 2.61
N ALA A 218 -17.79 -1.58 3.20
CA ALA A 218 -18.76 -2.47 2.57
C ALA A 218 -20.09 -1.77 2.35
N LYS A 219 -20.53 -0.97 3.32
CA LYS A 219 -21.78 -0.22 3.17
C LYS A 219 -21.68 0.78 2.03
N SER A 220 -20.54 1.48 1.91
CA SER A 220 -20.39 2.45 0.84
C SER A 220 -20.38 1.78 -0.52
N LEU A 221 -19.89 0.54 -0.59
CA LEU A 221 -19.93 -0.21 -1.84
C LEU A 221 -21.36 -0.62 -2.20
N LYS A 222 -22.16 -0.97 -1.19
CA LYS A 222 -23.56 -1.29 -1.46
C LYS A 222 -24.34 -0.06 -1.91
N LYS A 223 -23.99 1.12 -1.40
CA LYS A 223 -24.65 2.34 -1.84
C LYS A 223 -24.27 2.68 -3.28
N LEU A 224 -23.01 2.50 -3.65
CA LEU A 224 -22.60 2.69 -5.04
C LEU A 224 -23.32 1.71 -5.95
N ALA A 225 -23.43 0.44 -5.53
CA ALA A 225 -24.17 -0.54 -6.33
C ALA A 225 -25.61 -0.08 -6.54
N TRP A 226 -26.22 0.52 -5.51
CA TRP A 226 -27.58 1.04 -5.67
C TRP A 226 -27.62 2.12 -6.75
N SER A 227 -26.66 3.04 -6.74
CA SER A 227 -26.63 4.11 -7.73
C SER A 227 -26.46 3.57 -9.14
N LEU A 228 -25.67 2.49 -9.29
CA LEU A 228 -25.49 1.89 -10.61
C LEU A 228 -26.77 1.21 -11.08
N LYS A 229 -27.46 0.50 -10.18
CA LYS A 229 -28.73 -0.12 -10.53
C LYS A 229 -29.78 0.93 -10.86
N LYS A 230 -29.75 2.07 -10.17
CA LYS A 230 -30.65 3.17 -10.52
C LYS A 230 -30.30 3.73 -11.89
N LEU A 231 -29.00 3.89 -12.18
CA LEU A 231 -28.57 4.37 -13.48
C LEU A 231 -28.90 3.36 -14.58
N ALA A 232 -28.84 2.07 -14.27
CA ALA A 232 -29.18 1.06 -15.27
C ALA A 232 -30.65 1.12 -15.68
N GLN A 233 -31.53 1.54 -14.76
CA GLN A 233 -32.94 1.62 -15.07
C GLN A 233 -33.27 2.81 -15.97
N GLY A 234 -32.44 3.84 -15.98
CA GLY A 234 -32.68 5.01 -16.79
C GLY A 234 -32.45 4.76 -18.26
N GLN B 93 29.23 26.76 10.94
CA GLN B 93 28.08 26.87 11.81
C GLN B 93 27.81 25.61 12.60
N GLY B 94 27.53 25.77 13.89
CA GLY B 94 27.31 24.61 14.73
C GLY B 94 26.10 23.78 14.30
N ASP B 95 25.00 24.46 13.99
CA ASP B 95 23.77 23.73 13.69
C ASP B 95 23.85 22.95 12.38
N SER B 96 24.25 23.62 11.30
CA SER B 96 24.39 22.95 10.02
C SER B 96 25.25 21.69 10.13
N LEU B 97 26.27 21.73 11.00
CA LEU B 97 27.17 20.60 11.16
C LEU B 97 26.53 19.50 12.01
N GLU B 98 25.72 19.88 12.99
CA GLU B 98 25.08 18.88 13.85
C GLU B 98 23.98 18.14 13.11
N GLU B 99 23.25 18.83 12.24
CA GLU B 99 22.21 18.16 11.44
C GLU B 99 22.84 17.12 10.53
N LEU B 100 23.71 17.57 9.62
CA LEU B 100 24.43 16.64 8.75
C LEU B 100 24.98 15.47 9.54
N ALA B 101 25.48 15.73 10.76
CA ALA B 101 25.92 14.65 11.62
C ALA B 101 24.80 13.64 11.87
N GLN B 102 23.61 14.13 12.20
CA GLN B 102 22.49 13.24 12.47
C GLN B 102 22.16 12.40 11.24
N SER B 103 22.10 13.04 10.07
CA SER B 103 21.77 12.31 8.85
C SER B 103 22.75 11.17 8.60
N LEU B 104 24.02 11.38 8.93
CA LEU B 104 25.01 10.31 8.72
C LEU B 104 24.70 9.11 9.60
N GLU B 105 24.08 9.34 10.77
CA GLU B 105 23.67 8.22 11.61
C GLU B 105 22.42 7.54 11.05
N GLU B 106 21.62 8.27 10.27
CA GLU B 106 20.47 7.66 9.59
C GLU B 106 20.94 6.76 8.46
N LEU B 107 21.72 7.32 7.52
CA LEU B 107 22.33 6.51 6.48
C LEU B 107 23.03 5.30 7.09
N ALA B 108 23.80 5.53 8.15
CA ALA B 108 24.47 4.43 8.85
C ALA B 108 23.50 3.31 9.20
N LYS B 109 22.42 3.66 9.92
CA LYS B 109 21.45 2.64 10.31
C LYS B 109 20.84 1.97 9.08
N SER B 110 20.47 2.76 8.08
CA SER B 110 19.87 2.20 6.87
C SER B 110 20.84 1.27 6.16
N LEU B 111 22.12 1.65 6.08
CA LEU B 111 23.11 0.75 5.50
C LEU B 111 23.24 -0.52 6.32
N LYS B 112 22.98 -0.46 7.63
CA LYS B 112 22.98 -1.67 8.44
C LYS B 112 21.85 -2.60 8.03
N LYS B 113 20.71 -2.04 7.67
CA LYS B 113 19.56 -2.86 7.30
C LYS B 113 19.78 -3.54 5.96
N LEU B 114 20.22 -2.78 4.95
CA LEU B 114 20.52 -3.37 3.65
C LEU B 114 21.50 -4.52 3.79
N ALA B 115 22.54 -4.33 4.60
CA ALA B 115 23.48 -5.41 4.88
C ALA B 115 22.75 -6.66 5.35
N TRP B 116 21.92 -6.52 6.39
CA TRP B 116 21.22 -7.69 6.94
C TRP B 116 20.26 -8.28 5.92
N SER B 117 19.41 -7.44 5.32
CA SER B 117 18.45 -7.92 4.34
C SER B 117 19.18 -8.59 3.16
N LEU B 118 20.10 -7.85 2.54
CA LEU B 118 20.91 -8.43 1.48
C LEU B 118 21.64 -9.68 1.97
N LYS B 119 22.13 -9.65 3.21
CA LYS B 119 22.65 -10.87 3.81
C LYS B 119 21.56 -11.94 3.87
N LYS B 120 20.32 -11.53 4.15
CA LYS B 120 19.21 -12.47 4.08
C LYS B 120 19.10 -13.07 2.68
N LEU B 121 19.17 -12.21 1.65
CA LEU B 121 19.25 -12.68 0.28
C LEU B 121 20.50 -13.54 0.13
N ALA B 122 20.70 -14.14 -1.04
CA ALA B 122 21.81 -15.04 -1.28
C ALA B 122 21.58 -16.40 -0.62
N GLN B 123 20.31 -16.76 -0.45
CA GLN B 123 19.92 -18.05 0.10
C GLN B 123 19.06 -18.83 -0.90
N GLN B 124 19.34 -18.65 -2.18
CA GLN B 124 18.65 -19.37 -3.24
C GLN B 124 18.94 -18.74 -4.61
N ARG B 164 15.64 -15.03 -4.90
CA ARG B 164 14.60 -15.95 -5.32
C ARG B 164 13.25 -15.29 -5.54
N HIS B 165 12.52 -15.07 -4.44
CA HIS B 165 11.21 -14.49 -4.53
C HIS B 165 11.18 -13.17 -5.27
N ARG B 166 10.34 -13.08 -6.31
CA ARG B 166 10.19 -11.82 -7.02
C ARG B 166 9.96 -10.65 -6.08
N TYR B 167 9.20 -10.87 -5.01
CA TYR B 167 8.97 -9.81 -4.03
C TYR B 167 10.25 -9.44 -3.30
N SER B 168 11.18 -10.39 -3.14
CA SER B 168 12.43 -10.10 -2.45
CA SER B 168 12.43 -10.10 -2.45
C SER B 168 13.32 -9.18 -3.28
N LEU B 169 13.34 -9.36 -4.60
CA LEU B 169 14.10 -8.46 -5.46
C LEU B 169 13.46 -7.09 -5.49
N GLU B 170 12.13 -7.02 -5.48
CA GLU B 170 11.45 -5.74 -5.50
C GLU B 170 11.67 -4.97 -4.20
N GLU B 171 11.71 -5.68 -3.07
CA GLU B 171 12.03 -5.03 -1.81
C GLU B 171 13.43 -4.42 -1.85
N LEU B 172 14.40 -5.19 -2.35
CA LEU B 172 15.76 -4.66 -2.50
C LEU B 172 15.78 -3.45 -3.40
N ALA B 173 15.08 -3.51 -4.53
CA ALA B 173 14.99 -2.35 -5.42
C ALA B 173 14.46 -1.13 -4.68
N GLN B 174 13.40 -1.33 -3.89
CA GLN B 174 12.84 -0.23 -3.11
C GLN B 174 13.86 0.33 -2.11
N SER B 175 14.63 -0.55 -1.47
CA SER B 175 15.61 -0.10 -0.49
C SER B 175 16.70 0.75 -1.15
N LEU B 176 17.14 0.36 -2.35
CA LEU B 176 18.12 1.16 -3.07
C LEU B 176 17.55 2.53 -3.42
N GLU B 177 16.28 2.59 -3.81
CA GLU B 177 15.69 3.86 -4.16
C GLU B 177 15.58 4.78 -2.95
N GLU B 178 15.29 4.20 -1.76
CA GLU B 178 15.25 5.00 -0.55
C GLU B 178 16.64 5.49 -0.17
N LEU B 179 17.65 4.63 -0.32
CA LEU B 179 19.02 5.06 -0.06
C LEU B 179 19.41 6.21 -0.98
N ALA B 180 19.01 6.14 -2.26
CA ALA B 180 19.34 7.21 -3.18
C ALA B 180 18.67 8.52 -2.77
N LYS B 181 17.42 8.47 -2.32
CA LYS B 181 16.77 9.68 -1.83
C LYS B 181 17.53 10.28 -0.66
N SER B 182 18.00 9.42 0.25
CA SER B 182 18.75 9.92 1.41
C SER B 182 20.08 10.52 0.99
N LEU B 183 20.72 9.93 -0.02
CA LEU B 183 21.99 10.49 -0.51
C LEU B 183 21.79 11.88 -1.09
N LYS B 184 20.64 12.12 -1.75
CA LYS B 184 20.39 13.43 -2.35
C LYS B 184 20.19 14.49 -1.26
N LYS B 185 19.49 14.14 -0.18
CA LYS B 185 19.33 15.08 0.92
C LYS B 185 20.66 15.41 1.57
N LEU B 186 21.52 14.40 1.74
CA LEU B 186 22.86 14.64 2.27
C LEU B 186 23.64 15.58 1.37
N ALA B 187 23.54 15.39 0.05
CA ALA B 187 24.22 16.28 -0.88
C ALA B 187 23.75 17.72 -0.71
N TRP B 188 22.44 17.93 -0.51
CA TRP B 188 21.94 19.29 -0.31
C TRP B 188 22.47 19.87 0.99
N SER B 189 22.55 19.05 2.05
CA SER B 189 23.11 19.53 3.31
C SER B 189 24.56 19.96 3.15
N LEU B 190 25.35 19.22 2.36
CA LEU B 190 26.74 19.62 2.14
C LEU B 190 26.83 20.90 1.34
N LYS B 191 25.96 21.05 0.33
CA LYS B 191 25.97 22.25 -0.49
C LYS B 191 25.64 23.48 0.33
N LYS B 192 24.67 23.36 1.24
CA LYS B 192 24.34 24.47 2.13
C LYS B 192 25.52 24.80 3.03
N LEU B 193 26.18 23.78 3.57
CA LEU B 193 27.36 24.01 4.40
C LEU B 193 28.46 24.71 3.62
N ALA B 194 28.67 24.31 2.37
CA ALA B 194 29.72 24.93 1.55
C ALA B 194 29.44 26.42 1.35
N GLN B 195 28.18 26.79 1.15
CA GLN B 195 27.86 28.20 0.95
C GLN B 195 28.04 28.99 2.24
N GLY B 196 27.72 28.39 3.38
CA GLY B 196 27.86 29.05 4.66
C GLY B 196 29.23 29.66 4.89
CA SER B 201 39.16 28.39 -0.30
C SER B 201 38.89 27.06 -0.98
N ASP B 202 39.80 26.09 -0.76
CA ASP B 202 39.62 24.77 -1.35
C ASP B 202 38.51 23.98 -0.68
N LEU B 203 38.13 24.34 0.55
CA LEU B 203 37.12 23.59 1.27
C LEU B 203 35.74 23.73 0.65
N LYS B 204 35.39 24.95 0.21
CA LYS B 204 34.11 25.14 -0.48
C LYS B 204 34.03 24.23 -1.70
N SER B 205 35.09 24.22 -2.52
CA SER B 205 35.09 23.40 -3.73
C SER B 205 35.04 21.92 -3.38
N SER B 206 35.81 21.48 -2.38
CA SER B 206 35.84 20.07 -2.02
C SER B 206 34.48 19.61 -1.52
N LEU B 207 33.77 20.47 -0.77
CA LEU B 207 32.46 20.10 -0.28
C LEU B 207 31.46 19.99 -1.41
N GLU B 208 31.49 20.93 -2.35
CA GLU B 208 30.58 20.88 -3.49
C GLU B 208 30.86 19.66 -4.36
N GLU B 209 32.14 19.31 -4.54
CA GLU B 209 32.47 18.15 -5.35
C GLU B 209 32.00 16.86 -4.70
N LEU B 210 32.11 16.77 -3.37
CA LEU B 210 31.58 15.61 -2.66
C LEU B 210 30.08 15.48 -2.86
N ALA B 211 29.35 16.60 -2.77
CA ALA B 211 27.91 16.55 -2.96
C ALA B 211 27.55 16.05 -4.36
N GLN B 212 28.30 16.49 -5.37
CA GLN B 212 28.02 16.04 -6.73
C GLN B 212 28.31 14.56 -6.90
N SER B 213 29.35 14.04 -6.22
CA SER B 213 29.63 12.61 -6.29
C SER B 213 28.54 11.79 -5.60
N LEU B 214 27.92 12.34 -4.55
CA LEU B 214 26.82 11.65 -3.90
C LEU B 214 25.60 11.60 -4.81
N GLU B 215 25.35 12.67 -5.57
CA GLU B 215 24.21 12.64 -6.48
C GLU B 215 24.42 11.68 -7.64
N GLU B 216 25.67 11.49 -8.07
CA GLU B 216 25.92 10.52 -9.13
C GLU B 216 25.77 9.09 -8.60
N LEU B 217 26.20 8.86 -7.34
CA LEU B 217 25.95 7.57 -6.71
C LEU B 217 24.46 7.28 -6.61
N ALA B 218 23.66 8.29 -6.24
CA ALA B 218 22.23 8.08 -6.15
C ALA B 218 21.64 7.67 -7.49
N LYS B 219 22.10 8.29 -8.58
CA LYS B 219 21.64 7.90 -9.90
C LYS B 219 22.01 6.45 -10.22
N SER B 220 23.25 6.05 -9.87
CA SER B 220 23.65 4.67 -10.15
C SER B 220 22.84 3.66 -9.34
N LEU B 221 22.43 4.03 -8.12
CA LEU B 221 21.59 3.13 -7.34
C LEU B 221 20.22 2.98 -7.96
N LYS B 222 19.66 4.09 -8.47
CA LYS B 222 18.36 4.02 -9.13
C LYS B 222 18.44 3.21 -10.42
N LYS B 223 19.56 3.31 -11.14
CA LYS B 223 19.76 2.47 -12.31
C LYS B 223 19.82 1.00 -11.93
N LEU B 224 20.48 0.67 -10.81
CA LEU B 224 20.52 -0.72 -10.37
C LEU B 224 19.14 -1.22 -9.98
N ALA B 225 18.36 -0.39 -9.28
CA ALA B 225 17.00 -0.79 -8.93
C ALA B 225 16.17 -1.08 -10.18
N TRP B 226 16.32 -0.25 -11.22
CA TRP B 226 15.62 -0.48 -12.48
C TRP B 226 15.95 -1.86 -13.05
N SER B 227 17.23 -2.25 -13.00
CA SER B 227 17.63 -3.55 -13.50
C SER B 227 17.10 -4.67 -12.62
N LEU B 228 17.10 -4.47 -11.30
CA LEU B 228 16.55 -5.49 -10.41
C LEU B 228 15.08 -5.71 -10.69
N LYS B 229 14.33 -4.64 -10.93
CA LYS B 229 12.91 -4.78 -11.21
C LYS B 229 12.67 -5.51 -12.51
N LYS B 230 13.51 -5.27 -13.52
CA LYS B 230 13.41 -6.04 -14.76
C LYS B 230 13.73 -7.50 -14.52
N LEU B 231 14.78 -7.77 -13.73
CA LEU B 231 15.12 -9.15 -13.41
C LEU B 231 13.98 -9.84 -12.65
N ALA B 232 13.37 -9.13 -11.71
CA ALA B 232 12.30 -9.73 -10.91
C ALA B 232 11.10 -10.11 -11.76
N GLN B 233 10.90 -9.41 -12.87
CA GLN B 233 9.78 -9.68 -13.76
C GLN B 233 9.80 -11.13 -14.21
O1 P5R C . -18.95 4.62 -12.90
C1 P5R C . -18.91 3.56 -11.96
C2 P5R C . -17.50 3.36 -11.50
O2 P5R C . -17.48 2.43 -10.43
C3 P5R C . -16.18 2.27 -9.87
C4 P5R C . -16.26 1.34 -8.70
O3 P5R C . -15.00 1.31 -8.02
C5 P5R C . -15.07 0.62 -6.78
C6 P5R C . -13.70 0.49 -6.18
O4 P5R C . -13.79 -0.22 -4.96
C7 P5R C . -12.52 -0.64 -4.48
C8 P5R C . -12.66 -1.25 -3.11
O5 P5R C . -11.37 -1.67 -2.66
C9 P5R C . -11.41 -2.36 -1.42
C10 P5R C . -10.02 -2.65 -0.95
O6 P5R C . -10.05 -3.30 0.31
C11 P5R C . -8.76 -3.43 0.91
C12 P5R C . -8.92 -4.11 2.24
O7 P5R C . -7.67 -4.17 2.92
C13 P5R C . -7.78 -4.83 4.18
C14 P5R C . -6.42 -5.12 4.73
O8 P5R C . -6.55 -5.89 5.92
C15 P5R C . -5.31 -6.35 6.41
C16 P5R C . -5.51 -7.03 7.73
O9 P5R C . -4.25 -7.38 8.28
C17 P5R C . -4.35 -7.78 9.64
C18 P5R C . -3.01 -8.28 10.11
O10 P5R C . -3.12 -8.67 11.47
C19 P5R C . -1.90 -9.16 11.99
C20 P5R C . -2.07 -9.57 13.43
O11 P5R C . -0.90 -10.11 13.99
H2 P5R C . -19.25 2.73 -12.37
H3 P5R C . -19.48 3.77 -11.19
H4 P5R C . -17.12 4.22 -11.21
H5 P5R C . -16.95 3.01 -12.25
H6 P5R C . -15.82 3.14 -9.58
H7 P5R C . -15.57 1.90 -10.55
H8 P5R C . -16.49 0.44 -9.00
H9 P5R C . -16.95 1.66 -8.08
H10 P5R C . -15.45 -0.27 -6.93
H11 P5R C . -15.65 1.11 -6.17
H12 P5R C . -13.32 1.38 -6.03
H13 P5R C . -13.11 0.01 -6.80
H14 P5R C . -11.92 0.14 -4.43
H15 P5R C . -12.13 -1.30 -5.09
H16 P5R C . -13.27 -2.02 -3.14
H17 P5R C . -13.03 -0.58 -2.49
H18 P5R C . -11.91 -3.21 -1.53
H19 P5R C . -11.89 -1.83 -0.74
H20 P5R C . -9.52 -1.81 -0.89
H21 P5R C . -9.56 -3.22 -1.61
H22 P5R C . -8.37 -2.55 1.03
H23 P5R C . -8.18 -3.96 0.32
H24 P5R C . -9.25 -5.03 2.10
H25 P5R C . -9.57 -3.62 2.79
H26 P5R C . -8.28 -5.67 4.07
H27 P5R C . -8.28 -4.25 4.80
H28 P5R C . -5.96 -4.27 4.94
H29 P5R C . -5.89 -5.60 4.06
H30 P5R C . -4.69 -5.59 6.53
H31 P5R C . -4.89 -6.97 5.77
H32 P5R C . -6.05 -7.85 7.59
H33 P5R C . -5.99 -6.44 8.34
H34 P5R C . -5.02 -8.49 9.73
H35 P5R C . -4.63 -7.02 10.20
H36 P5R C . -2.34 -7.58 10.02
H37 P5R C . -2.74 -9.05 9.57
H38 P5R C . -1.20 -8.47 11.94
H39 P5R C . -1.60 -9.94 11.47
H40 P5R C . -2.79 -10.23 13.48
H41 P5R C . -2.35 -8.78 13.95
H70 P5R C . -0.67 -10.79 13.55
OH2 1PE D . 27.04 4.53 0.73
C12 1PE D . 26.84 3.76 -0.44
C22 1PE D . 26.48 2.34 -0.12
OH3 1PE D . 26.29 1.62 -1.34
C13 1PE D . 25.38 -0.26 -2.47
C23 1PE D . 25.33 0.58 -1.24
OH4 1PE D . 24.83 -1.55 -2.23
C14 1PE D . 23.72 -3.45 -3.18
C24 1PE D . 24.62 -2.28 -3.43
OH5 1PE D . 23.77 -4.32 -4.31
C15 1PE D . 23.01 -6.35 -5.31
C25 1PE D . 22.71 -5.27 -4.33
OH6 1PE D . 21.81 -6.81 -5.92
C16 1PE D . 22.49 -8.81 -7.04
C26 1PE D . 21.68 -8.22 -5.93
OH7 1PE D . 21.72 -9.71 -7.82
HO2 1PE D . 26.29 4.57 1.13
H121 1PE D . 27.65 3.77 -0.97
H122 1PE D . 26.11 4.16 -0.95
H221 1PE D . 25.67 2.31 0.40
H222 1PE D . 27.21 1.93 0.38
H131 1PE D . 26.30 -0.36 -2.75
H132 1PE D . 24.87 0.19 -3.17
H231 1PE D . 24.45 0.96 -1.13
H232 1PE D . 25.54 0.03 -0.46
H141 1PE D . 22.81 -3.13 -3.05
H142 1PE D . 24.01 -3.93 -2.40
H241 1PE D . 25.47 -2.60 -3.75
H242 1PE D . 24.22 -1.70 -4.10
H151 1PE D . 23.44 -7.09 -4.85
H152 1PE D . 23.61 -6.01 -6.00
H251 1PE D . 21.88 -4.82 -4.59
H252 1PE D . 22.60 -5.66 -3.45
H161 1PE D . 23.24 -9.29 -6.66
H162 1PE D . 22.81 -8.08 -7.61
H261 1PE D . 20.75 -8.46 -6.04
H262 1PE D . 21.99 -8.57 -5.07
HO7 1PE D . 21.08 -9.25 -8.17
#